data_5AQE
#
_entry.id   5AQE
#
_cell.length_a   52.648
_cell.length_b   61.246
_cell.length_c   74.615
_cell.angle_alpha   90.00
_cell.angle_beta   90.00
_cell.angle_gamma   90.00
#
_symmetry.space_group_name_H-M   'P 21 21 21'
#
loop_
_entity.id
_entity.type
_entity.pdbx_description
1 polymer 'SUBTILISIN SAVINASE'
2 non-polymer '(4-VINYLPHENYL)METHANESULFONIC ACID'
3 non-polymer 'SULFATE ION'
4 non-polymer 'CALCIUM ION'
5 non-polymer GLYCEROL
6 non-polymer 'CHLORIDE ION'
7 water water
#
_entity_poly.entity_id   1
_entity_poly.type   'polypeptide(L)'
_entity_poly.pdbx_seq_one_letter_code
;AQSVPWGISRVQAPAAHNRGLTGSGVKVAVLDTGISTHPDLNIRGGASFVPGEPSTQDGNGHGTHVAGTIAALNNSIGVL
GVAPSAELYAVKVLGASGSGSVSSIAQGLEWAGNNGMHVANLSLGSPSPSATLEQAVNSATSRGVLVVAASGNSGAGSIS
YPARYANAMAVGATDQNNNRASFSQYGAGLDIVAPGVNVQSTYPGSTYASLNGTSMATPHVAGAAALVKQKNPSWSNVQI
RNHLKNTATSLGSTNLYGSGLVNAEAATR
;
_entity_poly.pdbx_strand_id   A
#
# COMPACT_ATOMS: atom_id res chain seq x y z
N ALA A 1 15.95 -15.57 12.92
CA ALA A 1 14.63 -16.22 12.64
C ALA A 1 13.72 -15.19 12.01
N GLN A 2 12.89 -15.62 11.08
CA GLN A 2 11.89 -14.79 10.44
C GLN A 2 10.52 -15.12 11.01
N SER A 3 9.69 -14.14 11.20
N SER A 3 9.77 -14.03 11.29
CA SER A 3 8.30 -14.42 11.54
CA SER A 3 8.34 -14.01 11.71
C SER A 3 7.42 -13.75 10.51
C SER A 3 7.43 -13.71 10.49
N VAL A 4 6.18 -14.20 10.53
CA VAL A 4 5.17 -13.79 9.56
C VAL A 4 4.14 -12.96 10.29
N PRO A 5 4.08 -11.64 10.10
CA PRO A 5 3.08 -10.83 10.82
C PRO A 5 1.68 -11.34 10.54
N TRP A 6 0.79 -11.17 11.53
CA TRP A 6 -0.54 -11.75 11.40
C TRP A 6 -1.24 -11.29 10.14
N GLY A 7 -1.07 -10.04 9.74
CA GLY A 7 -1.79 -9.55 8.58
C GLY A 7 -1.35 -10.19 7.27
N ILE A 8 -0.06 -10.55 7.19
CA ILE A 8 0.47 -11.22 6.00
C ILE A 8 -0.22 -12.58 5.84
N SER A 9 -0.35 -13.29 6.95
N SER A 9 -0.38 -13.32 6.92
CA SER A 9 -1.11 -14.54 6.94
CA SER A 9 -1.11 -14.56 6.81
C SER A 9 -2.58 -14.32 6.66
C SER A 9 -2.62 -14.35 6.66
N ARG A 10 -3.17 -13.27 7.23
CA ARG A 10 -4.59 -13.01 7.08
C ARG A 10 -4.97 -12.78 5.62
N VAL A 11 -4.11 -12.09 4.86
CA VAL A 11 -4.35 -11.88 3.43
C VAL A 11 -3.90 -13.07 2.58
N GLN A 12 -3.37 -14.12 3.22
CA GLN A 12 -3.08 -15.39 2.57
C GLN A 12 -1.94 -15.27 1.56
N ALA A 13 -0.99 -14.37 1.85
CA ALA A 13 0.19 -14.26 1.03
C ALA A 13 1.03 -15.54 0.98
N PRO A 14 1.19 -16.28 2.10
CA PRO A 14 2.04 -17.47 2.02
C PRO A 14 1.56 -18.48 0.99
N ALA A 15 0.25 -18.61 0.78
CA ALA A 15 -0.25 -19.53 -0.26
C ALA A 15 0.20 -19.11 -1.64
N ALA A 16 0.24 -17.80 -1.90
CA ALA A 16 0.77 -17.32 -3.17
C ALA A 16 2.27 -17.62 -3.27
N HIS A 17 3.01 -17.38 -2.20
CA HIS A 17 4.45 -17.67 -2.22
C HIS A 17 4.69 -19.14 -2.56
N ASN A 18 3.85 -20.03 -2.04
CA ASN A 18 4.02 -21.46 -2.27
CA ASN A 18 3.97 -21.45 -2.25
C ASN A 18 3.75 -21.84 -3.70
N ARG A 19 3.04 -21.02 -4.48
CA ARG A 19 2.86 -21.22 -5.92
C ARG A 19 3.92 -20.50 -6.72
N GLY A 20 4.96 -19.98 -6.09
CA GLY A 20 6.02 -19.30 -6.82
C GLY A 20 5.75 -17.85 -7.09
N LEU A 21 4.77 -17.26 -6.44
CA LEU A 21 4.42 -15.86 -6.69
C LEU A 21 4.90 -15.02 -5.52
N THR A 22 5.77 -14.07 -5.87
CA THR A 22 6.48 -13.25 -4.92
C THR A 22 6.48 -11.76 -5.27
N GLY A 23 5.93 -11.40 -6.44
CA GLY A 23 6.07 -10.02 -6.93
C GLY A 23 7.29 -9.77 -7.77
N SER A 24 8.07 -10.82 -8.08
N SER A 24 8.10 -10.79 -8.06
CA SER A 24 9.21 -10.67 -8.95
CA SER A 24 9.27 -10.59 -8.89
C SER A 24 8.80 -9.97 -10.24
C SER A 24 8.86 -10.00 -10.23
N GLY A 25 9.65 -9.03 -10.70
CA GLY A 25 9.42 -8.33 -11.93
C GLY A 25 8.40 -7.22 -11.87
N VAL A 26 7.86 -6.93 -10.69
CA VAL A 26 6.83 -5.92 -10.54
C VAL A 26 7.42 -4.74 -9.75
N LYS A 27 7.28 -3.54 -10.32
CA LYS A 27 7.80 -2.32 -9.72
C LYS A 27 6.74 -1.67 -8.86
N VAL A 28 7.06 -1.47 -7.58
CA VAL A 28 6.15 -0.90 -6.61
C VAL A 28 6.81 0.31 -5.97
N ALA A 29 6.18 1.47 -6.13
CA ALA A 29 6.65 2.70 -5.52
C ALA A 29 5.92 2.95 -4.22
N VAL A 30 6.67 3.32 -3.17
CA VAL A 30 6.13 3.70 -1.89
C VAL A 30 6.24 5.21 -1.79
N LEU A 31 5.10 5.90 -1.90
CA LEU A 31 5.06 7.37 -1.84
C LEU A 31 4.79 7.72 -0.40
N ASP A 32 5.86 8.13 0.31
CA ASP A 32 5.75 8.23 1.77
C ASP A 32 6.93 9.08 2.26
N THR A 33 7.36 8.81 3.48
CA THR A 33 8.45 9.55 4.14
C THR A 33 9.85 9.08 3.74
N GLY A 34 9.95 8.24 2.73
CA GLY A 34 11.20 7.61 2.36
C GLY A 34 11.20 6.13 2.72
N ILE A 35 12.35 5.47 2.48
CA ILE A 35 12.55 4.08 2.92
C ILE A 35 13.99 4.02 3.38
N SER A 36 14.23 3.58 4.63
CA SER A 36 15.59 3.44 5.12
C SER A 36 16.19 2.11 4.73
N THR A 37 17.50 2.17 4.43
CA THR A 37 18.30 0.96 4.28
C THR A 37 18.06 0.04 5.45
N HIS A 38 17.84 -1.24 5.19
CA HIS A 38 17.42 -2.16 6.22
C HIS A 38 17.76 -3.57 5.74
N PRO A 39 18.25 -4.47 6.59
CA PRO A 39 18.64 -5.79 6.07
C PRO A 39 17.48 -6.65 5.62
N ASP A 40 16.24 -6.26 5.93
CA ASP A 40 15.08 -6.98 5.45
C ASP A 40 14.37 -6.26 4.29
N LEU A 41 15.05 -5.30 3.64
CA LEU A 41 14.50 -4.62 2.46
C LEU A 41 15.54 -4.58 1.36
N ASN A 42 15.06 -4.62 0.12
CA ASN A 42 15.88 -4.40 -1.07
C ASN A 42 15.31 -3.22 -1.81
N ILE A 43 15.94 -2.06 -1.69
CA ILE A 43 15.43 -0.83 -2.31
C ILE A 43 16.17 -0.63 -3.64
N ARG A 44 15.42 -0.60 -4.74
N ARG A 44 15.41 -0.62 -4.74
CA ARG A 44 16.02 -0.57 -6.04
CA ARG A 44 15.97 -0.56 -6.11
C ARG A 44 16.35 0.84 -6.54
C ARG A 44 16.21 0.83 -6.66
N GLY A 45 15.68 1.85 -6.02
CA GLY A 45 15.80 3.21 -6.53
C GLY A 45 14.74 4.07 -5.93
N GLY A 46 14.52 5.23 -6.53
CA GLY A 46 13.56 6.16 -6.05
C GLY A 46 13.98 7.60 -6.31
N ALA A 47 13.28 8.51 -5.64
CA ALA A 47 13.48 9.95 -5.83
C ALA A 47 12.87 10.66 -4.65
N SER A 48 13.35 11.87 -4.37
CA SER A 48 12.76 12.72 -3.34
C SER A 48 12.20 14.01 -3.96
N PHE A 49 10.99 14.33 -3.53
CA PHE A 49 10.30 15.55 -3.91
C PHE A 49 10.07 16.46 -2.71
N VAL A 50 10.76 16.21 -1.59
CA VAL A 50 10.67 17.03 -0.40
C VAL A 50 11.86 17.98 -0.40
N PRO A 51 11.66 19.28 -0.56
CA PRO A 51 12.78 20.20 -0.57
C PRO A 51 13.58 20.08 0.72
N GLY A 52 14.90 20.11 0.58
CA GLY A 52 15.71 20.01 1.82
C GLY A 52 15.94 18.60 2.35
N GLU A 53 15.24 17.61 1.81
CA GLU A 53 15.50 16.21 2.16
C GLU A 53 15.83 15.53 0.85
N PRO A 54 17.01 15.76 0.30
CA PRO A 54 17.27 15.19 -1.03
C PRO A 54 17.50 13.69 -1.01
N SER A 55 17.80 13.09 0.14
CA SER A 55 17.92 11.62 0.21
C SER A 55 16.55 10.97 0.25
N THR A 56 16.50 9.72 -0.16
CA THR A 56 15.28 8.93 -0.04
C THR A 56 15.20 8.12 1.24
N GLN A 57 16.23 8.25 2.14
CA GLN A 57 16.15 7.59 3.43
C GLN A 57 15.02 8.17 4.28
N ASP A 58 14.55 7.40 5.25
CA ASP A 58 13.34 7.72 5.99
C ASP A 58 13.65 8.32 7.36
N GLY A 59 13.35 9.60 7.54
CA GLY A 59 13.50 10.25 8.82
C GLY A 59 12.32 10.17 9.76
N ASN A 60 11.27 9.46 9.35
CA ASN A 60 10.04 9.33 10.11
C ASN A 60 9.78 7.93 10.65
N GLY A 61 9.83 6.94 9.78
N GLY A 61 9.87 6.94 9.77
CA GLY A 61 9.52 5.56 10.07
CA GLY A 61 9.78 5.52 10.10
C GLY A 61 8.37 4.98 9.30
C GLY A 61 8.64 4.88 9.32
N HIS A 62 7.38 5.80 8.96
N HIS A 62 7.66 5.74 8.98
CA HIS A 62 6.21 5.24 8.30
CA HIS A 62 6.41 5.39 8.27
C HIS A 62 6.53 4.62 6.96
C HIS A 62 6.67 4.77 6.88
N GLY A 63 7.33 5.29 6.14
N GLY A 63 7.44 5.43 5.99
CA GLY A 63 7.56 4.75 4.82
CA GLY A 63 7.71 4.83 4.69
C GLY A 63 8.31 3.43 4.83
C GLY A 63 8.38 3.47 4.78
N THR A 64 9.26 3.29 5.77
CA THR A 64 10.00 2.03 5.92
C THR A 64 9.04 0.91 6.36
N HIS A 65 8.12 1.25 7.25
CA HIS A 65 7.15 0.30 7.77
C HIS A 65 6.22 -0.18 6.64
N VAL A 66 5.67 0.78 5.90
CA VAL A 66 4.80 0.48 4.77
C VAL A 66 5.56 -0.41 3.77
N ALA A 67 6.82 -0.04 3.47
CA ALA A 67 7.60 -0.81 2.52
C ALA A 67 7.75 -2.26 2.94
N GLY A 68 7.97 -2.50 4.24
CA GLY A 68 8.12 -3.87 4.69
C GLY A 68 6.86 -4.70 4.64
N THR A 69 5.68 -4.08 4.77
CA THR A 69 4.45 -4.84 4.60
C THR A 69 4.33 -5.30 3.15
N ILE A 70 4.71 -4.42 2.20
CA ILE A 70 4.72 -4.83 0.80
C ILE A 70 5.77 -5.90 0.55
N ALA A 71 7.00 -5.70 1.02
CA ALA A 71 8.15 -6.36 0.39
C ALA A 71 9.26 -6.75 1.34
N ALA A 72 9.00 -6.91 2.66
CA ALA A 72 10.09 -7.43 3.49
C ALA A 72 10.57 -8.76 2.93
N LEU A 73 11.89 -8.93 2.92
CA LEU A 73 12.53 -10.02 2.20
C LEU A 73 12.23 -11.37 2.86
N ASN A 74 12.13 -12.40 2.03
CA ASN A 74 11.89 -13.76 2.51
C ASN A 74 13.21 -14.45 2.75
N ASN A 75 13.60 -14.54 4.01
CA ASN A 75 14.95 -14.95 4.39
C ASN A 75 14.88 -15.48 5.82
N SER A 76 16.00 -15.45 6.55
CA SER A 76 16.01 -15.99 7.93
C SER A 76 15.97 -14.93 9.00
N ILE A 77 15.56 -13.70 8.65
CA ILE A 77 15.51 -12.63 9.63
C ILE A 77 14.19 -11.87 9.51
N GLY A 78 13.87 -11.13 10.57
CA GLY A 78 12.87 -10.10 10.44
C GLY A 78 11.48 -10.62 10.18
N VAL A 79 10.82 -9.99 9.22
CA VAL A 79 9.44 -10.24 8.86
C VAL A 79 9.38 -10.70 7.41
N LEU A 80 8.19 -10.62 6.80
CA LEU A 80 7.96 -11.16 5.45
C LEU A 80 6.88 -10.28 4.83
N GLY A 81 7.13 -9.76 3.62
CA GLY A 81 6.13 -8.98 2.94
C GLY A 81 5.12 -9.82 2.20
N VAL A 82 4.05 -9.15 1.75
CA VAL A 82 3.09 -9.80 0.87
C VAL A 82 3.77 -10.24 -0.44
N ALA A 83 4.62 -9.35 -0.98
CA ALA A 83 5.29 -9.52 -2.25
C ALA A 83 6.79 -9.36 -2.03
N PRO A 84 7.43 -10.37 -1.43
CA PRO A 84 8.83 -10.23 -0.97
C PRO A 84 9.86 -10.03 -2.06
N SER A 85 9.52 -10.30 -3.31
CA SER A 85 10.41 -10.04 -4.43
C SER A 85 10.00 -8.84 -5.26
N ALA A 86 9.03 -8.04 -4.80
CA ALA A 86 8.71 -6.81 -5.54
C ALA A 86 9.95 -5.94 -5.65
N GLU A 87 10.02 -5.21 -6.75
CA GLU A 87 11.07 -4.22 -7.00
C GLU A 87 10.61 -2.93 -6.34
N LEU A 88 11.34 -2.55 -5.33
N LEU A 88 11.14 -2.61 -5.12
CA LEU A 88 10.83 -1.62 -4.39
CA LEU A 88 10.74 -1.43 -4.27
C LEU A 88 11.47 -0.22 -4.58
C LEU A 88 11.45 -0.18 -4.67
N TYR A 89 10.66 0.86 -4.75
CA TYR A 89 11.16 2.20 -5.02
C TYR A 89 10.70 3.15 -3.94
N ALA A 90 11.66 3.93 -3.41
CA ALA A 90 11.44 4.90 -2.36
C ALA A 90 11.13 6.26 -2.97
N VAL A 91 9.87 6.68 -2.90
CA VAL A 91 9.45 7.95 -3.50
C VAL A 91 9.06 8.87 -2.36
N LYS A 92 10.02 9.71 -1.94
CA LYS A 92 9.81 10.54 -0.77
C LYS A 92 8.97 11.76 -1.16
N VAL A 93 7.73 11.79 -0.66
CA VAL A 93 6.81 12.89 -0.86
C VAL A 93 6.39 13.56 0.42
N LEU A 94 6.72 12.94 1.55
CA LEU A 94 6.44 13.47 2.89
C LEU A 94 7.80 13.58 3.60
N GLY A 95 7.99 14.65 4.41
CA GLY A 95 9.19 14.79 5.14
C GLY A 95 9.21 14.02 6.45
N ALA A 96 10.28 14.25 7.22
CA ALA A 96 10.49 13.50 8.44
C ALA A 96 9.35 13.70 9.45
N SER A 97 8.68 14.85 9.38
CA SER A 97 7.54 15.15 10.18
C SER A 97 6.31 14.33 9.89
N GLY A 98 6.29 13.69 8.71
CA GLY A 98 5.14 12.97 8.25
C GLY A 98 4.21 13.71 7.34
N SER A 99 4.58 14.95 6.95
N SER A 99 4.32 15.00 7.28
CA SER A 99 3.79 15.76 6.01
CA SER A 99 3.38 15.75 6.51
C SER A 99 4.57 16.25 4.79
C SER A 99 4.05 16.03 5.22
N GLY A 100 3.80 16.53 3.74
N GLY A 100 3.24 16.34 4.23
CA GLY A 100 4.32 17.09 2.51
CA GLY A 100 3.75 16.72 2.93
C GLY A 100 3.38 18.11 1.93
C GLY A 100 2.71 17.47 2.13
N SER A 101 3.23 18.13 0.63
N SER A 101 3.10 17.98 0.97
CA SER A 101 2.27 18.97 0.00
CA SER A 101 2.24 18.85 0.15
C SER A 101 1.61 18.16 -1.08
N VAL A 102 0.51 18.70 -1.59
CA VAL A 102 -0.10 18.09 -2.76
C VAL A 102 0.85 18.15 -3.94
N SER A 103 1.67 19.19 -4.04
CA SER A 103 2.64 19.24 -5.11
C SER A 103 3.68 18.14 -5.01
N SER A 104 4.24 17.90 -3.84
CA SER A 104 5.24 16.82 -3.71
C SER A 104 4.63 15.46 -4.00
N ILE A 105 3.41 15.22 -3.50
CA ILE A 105 2.74 13.97 -3.76
C ILE A 105 2.49 13.80 -5.26
N ALA A 106 2.01 14.86 -5.90
CA ALA A 106 1.80 14.82 -7.35
C ALA A 106 3.09 14.54 -8.09
N GLN A 107 4.20 15.17 -7.67
CA GLN A 107 5.48 14.91 -8.32
C GLN A 107 5.88 13.44 -8.17
N GLY A 108 5.59 12.84 -7.02
CA GLY A 108 5.87 11.43 -6.85
C GLY A 108 5.03 10.54 -7.75
N LEU A 109 3.75 10.91 -7.94
CA LEU A 109 2.88 10.17 -8.86
C LEU A 109 3.36 10.30 -10.28
N GLU A 110 3.76 11.50 -10.69
CA GLU A 110 4.28 11.66 -12.04
C GLU A 110 5.57 10.87 -12.22
N TRP A 111 6.42 10.86 -11.19
CA TRP A 111 7.64 10.06 -11.25
C TRP A 111 7.28 8.60 -11.47
N ALA A 112 6.28 8.11 -10.75
CA ALA A 112 5.89 6.71 -10.88
C ALA A 112 5.49 6.39 -12.32
N GLY A 113 4.68 7.28 -12.92
CA GLY A 113 4.25 7.08 -14.30
C GLY A 113 5.32 7.25 -15.34
N ASN A 114 6.38 7.99 -15.01
CA ASN A 114 7.49 8.19 -15.93
C ASN A 114 8.61 7.18 -15.75
N ASN A 115 8.52 6.31 -14.74
CA ASN A 115 9.60 5.39 -14.40
C ASN A 115 9.14 3.95 -14.35
N GLY A 116 8.01 3.64 -14.96
CA GLY A 116 7.66 2.28 -15.20
C GLY A 116 7.05 1.56 -14.00
N MET A 117 6.54 2.31 -13.01
CA MET A 117 5.94 1.63 -11.86
C MET A 117 4.64 0.94 -12.28
N HIS A 118 4.42 -0.26 -11.72
CA HIS A 118 3.17 -0.96 -11.88
C HIS A 118 2.17 -0.64 -10.78
N VAL A 119 2.68 -0.33 -9.59
CA VAL A 119 1.85 -0.07 -8.41
C VAL A 119 2.44 1.12 -7.69
N ALA A 120 1.60 2.02 -7.18
CA ALA A 120 2.04 3.09 -6.31
C ALA A 120 1.20 3.03 -5.04
N ASN A 121 1.90 2.92 -3.90
CA ASN A 121 1.26 2.86 -2.59
C ASN A 121 1.28 4.28 -1.97
N LEU A 122 0.07 4.80 -1.69
CA LEU A 122 -0.12 6.12 -1.10
C LEU A 122 -0.82 5.95 0.25
N SER A 123 -0.04 5.70 1.29
CA SER A 123 -0.55 5.59 2.66
C SER A 123 -0.61 7.00 3.27
N LEU A 124 -1.49 7.82 2.71
CA LEU A 124 -1.53 9.25 2.98
C LEU A 124 -2.84 9.80 2.51
N GLY A 125 -3.17 11.02 2.95
CA GLY A 125 -4.33 11.71 2.42
C GLY A 125 -4.83 12.79 3.33
N SER A 126 -5.96 13.35 2.93
CA SER A 126 -6.58 14.51 3.55
C SER A 126 -8.06 14.43 3.36
N PRO A 127 -8.88 15.04 4.23
CA PRO A 127 -10.32 15.05 3.98
C PRO A 127 -10.75 15.92 2.82
N SER A 128 -9.90 16.82 2.35
CA SER A 128 -10.23 17.76 1.29
C SER A 128 -9.72 17.32 -0.05
N PRO A 129 -10.44 17.63 -1.13
CA PRO A 129 -9.97 17.31 -2.46
C PRO A 129 -8.82 18.19 -2.88
N SER A 130 -8.12 17.79 -3.93
CA SER A 130 -7.05 18.58 -4.50
C SER A 130 -7.01 18.37 -6.01
N ALA A 131 -7.16 19.45 -6.77
CA ALA A 131 -7.07 19.36 -8.23
C ALA A 131 -5.69 18.87 -8.68
N THR A 132 -4.66 19.40 -8.02
CA THR A 132 -3.27 18.99 -8.30
C THR A 132 -3.10 17.50 -8.12
N LEU A 133 -3.54 17.06 -6.98
N LEU A 133 -3.61 16.94 -6.99
CA LEU A 133 -3.38 15.70 -6.70
CA LEU A 133 -3.55 15.44 -6.74
C LEU A 133 -4.19 14.85 -7.67
C LEU A 133 -4.34 14.60 -7.73
N GLU A 134 -5.46 15.22 -7.94
N GLU A 134 -5.60 15.00 -8.02
CA GLU A 134 -6.32 14.45 -8.80
CA GLU A 134 -6.43 14.23 -8.96
C GLU A 134 -5.72 14.24 -10.20
C GLU A 134 -5.73 14.19 -10.31
N GLN A 135 -5.21 15.34 -10.77
CA GLN A 135 -4.57 15.32 -12.07
C GLN A 135 -3.44 14.29 -12.10
N ALA A 136 -2.63 14.25 -11.04
CA ALA A 136 -1.52 13.35 -10.99
C ALA A 136 -1.95 11.88 -10.82
N VAL A 137 -3.01 11.64 -10.05
CA VAL A 137 -3.57 10.28 -9.95
C VAL A 137 -4.01 9.81 -11.34
N ASN A 138 -4.72 10.68 -12.06
CA ASN A 138 -5.21 10.32 -13.37
C ASN A 138 -4.05 10.10 -14.35
N SER A 139 -3.04 10.96 -14.30
CA SER A 139 -1.88 10.82 -15.17
C SER A 139 -1.16 9.51 -14.92
N ALA A 140 -0.88 9.20 -13.64
CA ALA A 140 -0.21 7.94 -13.33
C ALA A 140 -1.04 6.75 -13.82
N THR A 141 -2.36 6.82 -13.63
CA THR A 141 -3.23 5.75 -14.06
C THR A 141 -3.17 5.56 -15.57
N SER A 142 -3.10 6.67 -16.31
CA SER A 142 -2.97 6.59 -17.77
C SER A 142 -1.67 5.95 -18.21
N ARG A 143 -0.63 6.04 -17.38
CA ARG A 143 0.67 5.44 -17.61
C ARG A 143 0.76 4.02 -17.04
N GLY A 144 -0.37 3.43 -16.64
CA GLY A 144 -0.39 2.04 -16.23
C GLY A 144 -0.13 1.80 -14.77
N VAL A 145 -0.04 2.84 -13.94
CA VAL A 145 0.17 2.65 -12.51
C VAL A 145 -1.16 2.33 -11.85
N LEU A 146 -1.18 1.32 -10.99
CA LEU A 146 -2.31 1.08 -10.09
C LEU A 146 -2.03 1.86 -8.82
N VAL A 147 -2.81 2.92 -8.59
CA VAL A 147 -2.67 3.78 -7.41
C VAL A 147 -3.53 3.20 -6.30
N VAL A 148 -2.89 2.83 -5.19
CA VAL A 148 -3.53 2.19 -4.06
C VAL A 148 -3.39 3.15 -2.89
N ALA A 149 -4.50 3.55 -2.26
CA ALA A 149 -4.46 4.65 -1.29
C ALA A 149 -5.29 4.34 -0.06
N ALA A 150 -4.84 4.86 1.08
CA ALA A 150 -5.50 4.65 2.36
C ALA A 150 -6.78 5.44 2.48
N SER A 151 -7.82 4.83 3.08
CA SER A 151 -9.09 5.54 3.20
C SER A 151 -9.08 6.67 4.22
N GLY A 152 -8.18 6.61 5.20
CA GLY A 152 -8.08 7.60 6.24
C GLY A 152 -8.51 7.07 7.60
N ASN A 153 -8.08 7.79 8.64
CA ASN A 153 -8.21 7.32 10.01
C ASN A 153 -9.17 8.14 10.87
N SER A 154 -10.10 8.87 10.26
CA SER A 154 -11.00 9.71 11.05
C SER A 154 -12.18 8.96 11.63
N GLY A 155 -12.44 7.74 11.20
CA GLY A 155 -13.61 6.98 11.60
C GLY A 155 -14.89 7.34 10.86
N ALA A 156 -14.84 8.31 9.96
CA ALA A 156 -16.03 8.77 9.27
C ALA A 156 -16.48 7.82 8.20
N GLY A 157 -17.80 7.95 7.88
CA GLY A 157 -18.40 7.26 6.76
C GLY A 157 -18.27 7.95 5.42
N SER A 158 -17.19 8.68 5.23
CA SER A 158 -16.74 9.12 3.92
C SER A 158 -15.23 8.95 3.90
N ILE A 159 -14.69 8.79 2.69
CA ILE A 159 -13.26 8.49 2.57
C ILE A 159 -12.48 9.73 2.14
N SER A 160 -11.24 9.75 2.51
N SER A 160 -11.21 9.72 2.55
N SER A 160 -11.20 9.68 2.55
CA SER A 160 -10.44 10.92 2.21
CA SER A 160 -10.22 10.80 2.31
CA SER A 160 -10.16 10.72 2.31
C SER A 160 -9.76 10.78 0.84
C SER A 160 -9.75 10.77 0.86
C SER A 160 -9.78 10.79 0.83
N TYR A 161 -9.09 11.88 0.48
CA TYR A 161 -8.46 12.04 -0.82
C TYR A 161 -6.96 11.84 -0.69
N PRO A 162 -6.29 11.17 -1.63
CA PRO A 162 -6.80 10.80 -2.97
C PRO A 162 -7.57 9.49 -3.06
N ALA A 163 -7.71 8.73 -1.97
CA ALA A 163 -8.41 7.46 -2.07
C ALA A 163 -9.81 7.60 -2.66
N ARG A 164 -10.50 8.71 -2.38
CA ARG A 164 -11.86 8.89 -2.87
C ARG A 164 -11.95 8.89 -4.38
N TYR A 165 -10.91 9.34 -5.07
CA TYR A 165 -10.97 9.48 -6.53
C TYR A 165 -11.18 8.13 -7.20
N ALA A 166 -11.92 8.17 -8.32
CA ALA A 166 -12.25 6.95 -9.03
C ALA A 166 -11.00 6.17 -9.44
N ASN A 167 -9.94 6.85 -9.82
CA ASN A 167 -8.73 6.15 -10.30
C ASN A 167 -7.74 5.81 -9.19
N ALA A 168 -8.17 5.91 -7.93
CA ALA A 168 -7.41 5.33 -6.83
C ALA A 168 -8.19 4.13 -6.29
N MET A 169 -7.47 3.10 -5.90
CA MET A 169 -8.06 1.95 -5.23
C MET A 169 -7.96 2.22 -3.73
N ALA A 170 -9.12 2.45 -3.10
CA ALA A 170 -9.21 2.88 -1.71
C ALA A 170 -9.26 1.69 -0.76
N VAL A 171 -8.39 1.72 0.25
CA VAL A 171 -8.21 0.60 1.18
C VAL A 171 -8.50 1.03 2.60
N GLY A 172 -9.46 0.35 3.23
CA GLY A 172 -9.71 0.49 4.66
C GLY A 172 -9.04 -0.60 5.47
N ALA A 173 -9.15 -0.47 6.80
CA ALA A 173 -8.44 -1.34 7.74
C ALA A 173 -9.37 -2.21 8.54
N THR A 174 -8.96 -3.47 8.71
CA THR A 174 -9.62 -4.42 9.57
C THR A 174 -8.73 -4.83 10.71
N ASP A 175 -9.39 -5.42 11.73
CA ASP A 175 -8.74 -5.97 12.90
C ASP A 175 -8.71 -7.50 12.84
N GLN A 176 -8.22 -8.12 13.92
CA GLN A 176 -8.02 -9.54 13.97
CA GLN A 176 -8.02 -9.57 13.90
C GLN A 176 -9.33 -10.34 13.93
N ASN A 177 -10.45 -9.69 14.20
CA ASN A 177 -11.77 -10.32 14.13
C ASN A 177 -12.43 -10.17 12.78
N ASN A 178 -11.73 -9.55 11.81
CA ASN A 178 -12.33 -9.19 10.53
C ASN A 178 -13.49 -8.22 10.69
N ASN A 179 -13.37 -7.32 11.68
CA ASN A 179 -14.21 -6.14 11.75
C ASN A 179 -13.45 -4.91 11.31
N ARG A 180 -14.17 -3.92 10.83
CA ARG A 180 -13.59 -2.63 10.48
C ARG A 180 -12.94 -2.05 11.73
N ALA A 181 -11.70 -1.59 11.63
CA ALA A 181 -11.09 -0.89 12.74
C ALA A 181 -11.88 0.39 12.97
N SER A 182 -12.04 0.80 14.22
CA SER A 182 -12.90 1.94 14.52
C SER A 182 -12.51 3.20 13.76
N PHE A 183 -11.22 3.39 13.56
CA PHE A 183 -10.72 4.58 12.89
C PHE A 183 -10.87 4.53 11.38
N SER A 184 -11.15 3.36 10.80
CA SER A 184 -11.04 3.23 9.35
C SER A 184 -12.17 3.91 8.63
N GLN A 185 -11.86 4.88 7.77
CA GLN A 185 -12.91 5.55 7.02
C GLN A 185 -13.54 4.61 6.00
N TYR A 186 -14.81 4.84 5.74
CA TYR A 186 -15.60 3.99 4.88
C TYR A 186 -16.55 4.83 4.06
N GLY A 187 -17.37 4.15 3.24
CA GLY A 187 -18.37 4.84 2.43
C GLY A 187 -18.07 4.85 0.97
N ALA A 188 -18.60 5.86 0.28
CA ALA A 188 -18.54 5.89 -1.17
C ALA A 188 -17.09 5.94 -1.64
N GLY A 189 -16.78 5.08 -2.61
CA GLY A 189 -15.44 5.01 -3.15
C GLY A 189 -14.53 3.98 -2.48
N LEU A 190 -14.97 3.38 -1.37
CA LEU A 190 -14.15 2.34 -0.72
C LEU A 190 -14.12 1.10 -1.58
N ASP A 191 -12.90 0.58 -1.86
CA ASP A 191 -12.78 -0.58 -2.73
C ASP A 191 -12.60 -1.89 -1.99
N ILE A 192 -11.85 -1.92 -0.90
CA ILE A 192 -11.37 -3.17 -0.32
C ILE A 192 -10.84 -2.83 1.07
N VAL A 193 -10.62 -3.87 1.88
CA VAL A 193 -9.99 -3.68 3.19
C VAL A 193 -8.89 -4.72 3.40
N ALA A 194 -8.05 -4.42 4.39
CA ALA A 194 -6.94 -5.30 4.73
C ALA A 194 -6.52 -5.01 6.18
N PRO A 195 -5.70 -5.89 6.76
CA PRO A 195 -5.28 -5.71 8.16
C PRO A 195 -4.59 -4.37 8.41
N GLY A 196 -5.01 -3.70 9.50
CA GLY A 196 -4.45 -2.40 9.82
C GLY A 196 -4.29 -2.11 11.29
N VAL A 197 -4.31 -3.16 12.13
CA VAL A 197 -4.16 -3.00 13.57
C VAL A 197 -3.05 -3.91 14.03
N ASN A 198 -2.14 -3.38 14.86
CA ASN A 198 -1.03 -4.14 15.40
C ASN A 198 -0.21 -4.81 14.30
N VAL A 199 0.19 -4.02 13.30
CA VAL A 199 0.92 -4.51 12.14
C VAL A 199 2.40 -4.28 12.36
N GLN A 200 3.15 -5.37 12.52
CA GLN A 200 4.58 -5.36 12.68
C GLN A 200 5.27 -5.32 11.31
N SER A 201 6.29 -4.48 11.18
CA SER A 201 7.02 -4.37 9.93
C SER A 201 8.42 -3.83 10.22
N THR A 202 9.19 -3.68 9.15
CA THR A 202 10.49 -3.07 9.20
C THR A 202 10.42 -1.62 9.67
N TYR A 203 11.50 -1.18 10.33
CA TYR A 203 11.51 0.16 10.90
C TYR A 203 12.95 0.67 10.92
N PRO A 204 13.17 1.99 10.80
CA PRO A 204 14.54 2.49 10.82
C PRO A 204 15.27 2.13 12.11
N GLY A 205 16.59 2.19 12.02
CA GLY A 205 17.44 1.62 13.05
C GLY A 205 17.57 0.12 12.98
N SER A 206 17.31 -0.43 11.79
CA SER A 206 17.46 -1.83 11.57
C SER A 206 16.67 -2.64 12.58
N THR A 207 15.41 -2.29 12.76
CA THR A 207 14.57 -2.94 13.73
C THR A 207 13.18 -3.18 13.14
N TYR A 208 12.22 -3.47 14.03
CA TYR A 208 10.88 -3.89 13.64
C TYR A 208 9.94 -3.25 14.65
N ALA A 209 8.80 -2.75 14.19
CA ALA A 209 7.87 -2.07 15.07
C ALA A 209 6.46 -2.23 14.53
N SER A 210 5.49 -2.00 15.42
CA SER A 210 4.10 -2.14 15.08
C SER A 210 3.40 -0.79 15.02
N LEU A 211 2.52 -0.64 14.05
CA LEU A 211 1.73 0.55 13.88
C LEU A 211 0.28 0.13 13.57
N ASN A 212 -0.63 1.09 13.81
CA ASN A 212 -2.03 0.98 13.42
C ASN A 212 -2.37 2.05 12.41
N GLY A 213 -3.23 1.73 11.45
CA GLY A 213 -3.74 2.72 10.56
C GLY A 213 -4.18 2.15 9.23
N THR A 214 -4.99 2.93 8.50
CA THR A 214 -5.24 2.58 7.10
C THR A 214 -3.96 2.63 6.29
N SER A 215 -2.94 3.32 6.77
CA SER A 215 -1.62 3.27 6.14
C SER A 215 -0.99 1.90 6.12
N MET A 216 -1.35 1.04 7.09
CA MET A 216 -0.83 -0.31 7.21
C MET A 216 -1.65 -1.30 6.38
N ALA A 217 -2.94 -1.00 6.18
CA ALA A 217 -3.80 -1.83 5.37
C ALA A 217 -3.40 -1.74 3.89
N THR A 218 -3.22 -0.50 3.44
CA THR A 218 -2.90 -0.17 2.04
C THR A 218 -1.79 -1.04 1.45
N PRO A 219 -0.62 -1.18 2.11
CA PRO A 219 0.47 -1.97 1.52
C PRO A 219 0.15 -3.45 1.39
N HIS A 220 -0.77 -3.99 2.22
CA HIS A 220 -1.17 -5.38 1.97
C HIS A 220 -1.78 -5.53 0.58
N VAL A 221 -2.60 -4.55 0.18
CA VAL A 221 -3.24 -4.54 -1.11
C VAL A 221 -2.24 -4.23 -2.21
N ALA A 222 -1.34 -3.28 -1.99
CA ALA A 222 -0.32 -3.00 -2.99
C ALA A 222 0.51 -4.26 -3.26
N GLY A 223 0.87 -4.97 -2.18
CA GLY A 223 1.61 -6.22 -2.37
C GLY A 223 0.80 -7.27 -3.09
N ALA A 224 -0.49 -7.39 -2.74
CA ALA A 224 -1.33 -8.37 -3.42
C ALA A 224 -1.43 -8.05 -4.91
N ALA A 225 -1.51 -6.76 -5.25
CA ALA A 225 -1.51 -6.36 -6.65
C ALA A 225 -0.26 -6.83 -7.36
N ALA A 226 0.90 -6.74 -6.69
CA ALA A 226 2.13 -7.21 -7.30
C ALA A 226 2.11 -8.72 -7.54
N LEU A 227 1.53 -9.48 -6.61
CA LEU A 227 1.40 -10.92 -6.83
C LEU A 227 0.55 -11.22 -8.08
N VAL A 228 -0.56 -10.49 -8.20
CA VAL A 228 -1.45 -10.67 -9.33
C VAL A 228 -0.76 -10.27 -10.64
N LYS A 229 0.01 -9.20 -10.63
CA LYS A 229 0.74 -8.78 -11.84
C LYS A 229 1.81 -9.79 -12.22
N GLN A 230 2.49 -10.40 -11.25
CA GLN A 230 3.46 -11.44 -11.61
C GLN A 230 2.75 -12.61 -12.29
N LYS A 231 1.60 -13.01 -11.75
N LYS A 231 1.60 -13.02 -11.73
CA LYS A 231 0.88 -14.12 -12.33
CA LYS A 231 0.84 -14.12 -12.30
C LYS A 231 0.32 -13.80 -13.71
C LYS A 231 0.32 -13.80 -13.70
N ASN A 232 -0.08 -12.55 -13.90
CA ASN A 232 -0.76 -12.07 -15.09
C ASN A 232 -0.06 -10.84 -15.67
N PRO A 233 1.11 -11.05 -16.30
CA PRO A 233 1.91 -9.90 -16.72
C PRO A 233 1.22 -8.99 -17.72
N SER A 234 0.27 -9.51 -18.48
CA SER A 234 -0.37 -8.68 -19.50
C SER A 234 -1.43 -7.75 -18.91
N TRP A 235 -1.82 -7.94 -17.66
CA TRP A 235 -2.95 -7.22 -17.12
C TRP A 235 -2.66 -5.76 -16.84
N SER A 236 -3.71 -4.95 -17.04
CA SER A 236 -3.69 -3.57 -16.72
C SER A 236 -3.93 -3.31 -15.24
N ASN A 237 -3.71 -2.06 -14.83
CA ASN A 237 -4.10 -1.61 -13.51
C ASN A 237 -5.57 -1.96 -13.18
N VAL A 238 -6.47 -1.67 -14.12
CA VAL A 238 -7.89 -1.90 -13.90
C VAL A 238 -8.18 -3.38 -13.74
N GLN A 239 -7.57 -4.23 -14.59
CA GLN A 239 -7.79 -5.66 -14.47
C GLN A 239 -7.34 -6.18 -13.11
N ILE A 240 -6.18 -5.72 -12.64
CA ILE A 240 -5.66 -6.15 -11.34
C ILE A 240 -6.61 -5.71 -10.22
N ARG A 241 -6.99 -4.43 -10.24
CA ARG A 241 -7.89 -3.88 -9.24
C ARG A 241 -9.19 -4.67 -9.18
N ASN A 242 -9.79 -4.89 -10.36
CA ASN A 242 -11.05 -5.61 -10.38
C ASN A 242 -10.89 -7.02 -9.88
N HIS A 243 -9.80 -7.71 -10.23
CA HIS A 243 -9.62 -9.08 -9.79
C HIS A 243 -9.43 -9.17 -8.28
N LEU A 244 -8.68 -8.23 -7.70
CA LEU A 244 -8.52 -8.20 -6.25
C LEU A 244 -9.89 -8.03 -5.57
N LYS A 245 -10.72 -7.14 -6.10
CA LYS A 245 -12.06 -6.94 -5.53
C LYS A 245 -12.93 -8.18 -5.73
N ASN A 246 -12.91 -8.77 -6.93
CA ASN A 246 -13.76 -9.90 -7.21
C ASN A 246 -13.43 -11.13 -6.42
N THR A 247 -12.19 -11.24 -5.96
CA THR A 247 -11.72 -12.38 -5.18
C THR A 247 -11.59 -12.09 -3.69
N ALA A 248 -11.99 -10.90 -3.26
CA ALA A 248 -11.98 -10.57 -1.84
C ALA A 248 -13.08 -11.35 -1.10
N THR A 249 -12.88 -11.53 0.21
CA THR A 249 -13.88 -12.17 1.04
C THR A 249 -14.85 -11.15 1.59
N SER A 250 -16.14 -11.30 1.31
CA SER A 250 -17.11 -10.36 1.89
C SER A 250 -17.05 -10.38 3.40
N LEU A 251 -17.08 -9.20 4.01
CA LEU A 251 -17.11 -9.07 5.46
C LEU A 251 -18.37 -8.39 6.00
C LEU A 251 -18.49 -8.59 5.89
N GLY A 252 -19.25 -7.99 5.11
N GLY A 252 -19.48 -8.78 5.03
CA GLY A 252 -20.35 -7.10 5.47
CA GLY A 252 -20.86 -8.50 5.44
C GLY A 252 -20.64 -6.14 4.35
C GLY A 252 -21.38 -7.10 5.29
N SER A 253 -21.31 -5.04 4.66
N SER A 253 -20.60 -6.19 4.69
CA SER A 253 -21.82 -4.18 3.63
CA SER A 253 -21.09 -4.83 4.46
C SER A 253 -20.70 -3.57 2.80
C SER A 253 -20.27 -4.13 3.41
N THR A 254 -21.01 -3.30 1.55
N THR A 254 -20.88 -3.80 2.28
CA THR A 254 -20.12 -2.59 0.67
CA THR A 254 -20.18 -3.01 1.29
C THR A 254 -19.80 -1.21 1.22
C THR A 254 -19.88 -1.61 1.79
N ASN A 255 -20.76 -0.56 1.88
N ASN A 255 -20.75 -1.03 2.59
CA ASN A 255 -20.48 0.75 2.44
CA ASN A 255 -20.51 0.32 3.12
C ASN A 255 -19.31 0.70 3.41
C ASN A 255 -19.25 0.35 3.96
N LEU A 256 -19.29 -0.30 4.25
N LEU A 256 -19.09 -0.60 4.83
CA LEU A 256 -18.29 -0.42 5.33
CA LEU A 256 -17.98 -0.61 5.74
C LEU A 256 -16.91 -1.03 4.94
C LEU A 256 -16.74 -1.12 5.04
N TYR A 257 -16.92 -1.98 4.02
CA TYR A 257 -15.78 -2.85 3.66
C TYR A 257 -15.46 -2.85 2.18
N GLY A 258 -16.23 -2.16 1.36
CA GLY A 258 -16.06 -2.34 -0.08
C GLY A 258 -16.28 -3.81 -0.41
N SER A 259 -15.42 -4.33 -1.28
CA SER A 259 -15.50 -5.74 -1.66
C SER A 259 -15.15 -6.71 -0.54
N GLY A 260 -14.55 -6.23 0.53
CA GLY A 260 -14.18 -7.09 1.63
C GLY A 260 -12.69 -7.27 1.77
N LEU A 261 -12.31 -8.35 2.42
CA LEU A 261 -10.93 -8.60 2.82
C LEU A 261 -10.14 -9.14 1.62
N VAL A 262 -9.06 -8.46 1.27
CA VAL A 262 -8.20 -8.94 0.18
C VAL A 262 -7.74 -10.37 0.49
N ASN A 263 -7.65 -11.18 -0.58
CA ASN A 263 -7.28 -12.58 -0.44
C ASN A 263 -6.32 -12.93 -1.57
N ALA A 264 -5.03 -12.90 -1.25
CA ALA A 264 -4.00 -13.17 -2.23
C ALA A 264 -4.02 -14.60 -2.75
N GLU A 265 -4.51 -15.54 -1.95
CA GLU A 265 -4.65 -16.92 -2.43
C GLU A 265 -5.71 -16.98 -3.53
N ALA A 266 -6.88 -16.41 -3.26
CA ALA A 266 -7.97 -16.47 -4.23
C ALA A 266 -7.60 -15.64 -5.47
N ALA A 267 -6.85 -14.57 -5.29
CA ALA A 267 -6.51 -13.68 -6.41
C ALA A 267 -5.44 -14.26 -7.33
N THR A 268 -4.71 -15.30 -6.91
CA THR A 268 -3.62 -15.85 -7.68
C THR A 268 -3.86 -17.32 -8.07
N ARG A 269 -5.08 -17.83 -7.78
CA ARG A 269 -5.46 -19.24 -7.90
C ARG A 269 -5.71 -19.34 -9.36
#